data_6NNW
#
_entry.id   6NNW
#
_cell.length_a   129.671
_cell.length_b   36.950
_cell.length_c   92.030
_cell.angle_alpha   90.000
_cell.angle_beta   107.830
_cell.angle_gamma   90.000
#
_symmetry.space_group_name_H-M   'C 1 2 1'
#
loop_
_entity.id
_entity.type
_entity.pdbx_description
1 polymer Tetronasin
2 non-polymer (3E)-3-{(1S,4S,4aS,5R,8aS)-1-[(2E,4R,7S,8E,10S)-1,7-dihydroxy-10-{(2R,3S,5R)-5-[(1S)-1-methoxyethyl]-3-methyloxolan-2-yl}-4-methylundeca-2,8-dien-2-yl]-4,5-dimethyloctahydro-3H-2-benzopyran-3-ylidene}oxolane-2,4-dione
3 non-polymer 'PHOSPHATE ION'
4 non-polymer 'PROPANOIC ACID'
5 water water
#
_entity_poly.entity_id   1
_entity_poly.type   'polypeptide(L)'
_entity_poly.pdbx_seq_one_letter_code
;SHMTTSIDPTTPLTYNPVIDALVGSWRQIIDADYSADDTRLPDLAVLARSTARAVAAAVPRPLAEISAPDAPDERGELVL
LEKVIQEVADREYTPLSPEGPSVGDLVLVTEKIYNSDREEIGADTGRLRIIRKDPETGHHFTVSLVTSTVQGNKLFAFGY
TEMEAQLAGGRTTIQVACWDGPWAGMSGTLSWVINSMTAAESRYELRR
;
_entity_poly.pdbx_strand_id   A,B
#
loop_
_chem_comp.id
_chem_comp.type
_chem_comp.name
_chem_comp.formula
KUJ non-polymer (3E)-3-{(1S,4S,4aS,5R,8aS)-1-[(2E,4R,7S,8E,10S)-1,7-dihydroxy-10-{(2R,3S,5R)-5-[(1S)-1-methoxyethyl]-3-methyloxolan-2-yl}-4-methylundeca-2,8-dien-2-yl]-4,5-dimethyloctahydro-3H-2-benzopyran-3-ylidene}oxolane-2,4-dione 'C35 H54 O8'
PO4 non-polymer 'PHOSPHATE ION' 'O4 P -3'
PPI non-polymer 'PROPANOIC ACID' 'C3 H6 O2'
#
# COMPACT_ATOMS: atom_id res chain seq x y z
N SER A 1 -28.56 -17.97 -11.50
CA SER A 1 -28.22 -17.27 -12.73
C SER A 1 -29.41 -16.51 -13.31
N HIS A 2 -30.63 -17.03 -13.09
CA HIS A 2 -31.82 -16.32 -13.55
C HIS A 2 -31.94 -14.96 -12.86
N MET A 3 -31.60 -14.92 -11.58
CA MET A 3 -31.69 -13.71 -10.77
C MET A 3 -30.45 -12.84 -10.89
N THR A 4 -29.44 -13.26 -11.65
CA THR A 4 -28.24 -12.48 -11.88
C THR A 4 -28.23 -12.01 -13.33
N THR A 5 -28.32 -10.69 -13.52
CA THR A 5 -28.50 -10.10 -14.83
C THR A 5 -27.41 -9.10 -15.19
N SER A 6 -26.46 -8.88 -14.30
CA SER A 6 -25.32 -8.03 -14.61
CA SER A 6 -25.36 -7.94 -14.52
C SER A 6 -24.20 -8.37 -13.64
N ILE A 7 -23.01 -7.90 -13.98
CA ILE A 7 -21.85 -8.13 -13.13
C ILE A 7 -21.85 -7.09 -12.01
N ASP A 8 -21.77 -7.55 -10.77
CA ASP A 8 -21.77 -6.63 -9.65
C ASP A 8 -20.43 -5.90 -9.59
N PRO A 9 -20.38 -4.59 -9.85
CA PRO A 9 -19.10 -3.89 -9.89
C PRO A 9 -18.53 -3.53 -8.53
N THR A 10 -19.33 -3.62 -7.47
CA THR A 10 -18.88 -3.18 -6.16
C THR A 10 -17.83 -4.13 -5.61
N THR A 11 -16.82 -3.58 -4.98
CA THR A 11 -15.87 -4.49 -4.36
C THR A 11 -16.43 -4.98 -3.04
N PRO A 12 -16.30 -6.27 -2.72
CA PRO A 12 -16.75 -6.76 -1.42
C PRO A 12 -15.95 -6.12 -0.31
N LEU A 13 -16.66 -5.75 0.75
CA LEU A 13 -16.02 -5.15 1.92
C LEU A 13 -15.55 -6.24 2.86
N THR A 14 -14.36 -6.04 3.44
CA THR A 14 -13.87 -6.97 4.43
C THR A 14 -14.29 -6.56 5.84
N TYR A 15 -14.67 -5.30 6.02
CA TYR A 15 -14.96 -4.68 7.31
C TYR A 15 -13.73 -4.60 8.21
N ASN A 16 -12.55 -4.90 7.66
CA ASN A 16 -11.28 -4.44 8.21
C ASN A 16 -11.06 -3.08 7.59
N PRO A 17 -11.19 -1.98 8.34
CA PRO A 17 -11.15 -0.64 7.72
C PRO A 17 -9.81 -0.31 7.09
N VAL A 18 -8.72 -0.94 7.55
CA VAL A 18 -7.42 -0.69 6.94
C VAL A 18 -7.40 -1.31 5.55
N ILE A 19 -7.84 -2.57 5.44
CA ILE A 19 -7.88 -3.22 4.13
C ILE A 19 -8.84 -2.51 3.20
N ASP A 20 -10.03 -2.13 3.71
CA ASP A 20 -11.01 -1.50 2.84
C ASP A 20 -10.47 -0.17 2.30
N ALA A 21 -9.68 0.55 3.10
CA ALA A 21 -9.09 1.79 2.59
C ALA A 21 -7.99 1.51 1.57
N LEU A 22 -7.17 0.48 1.81
CA LEU A 22 -6.11 0.14 0.86
C LEU A 22 -6.70 -0.27 -0.48
N VAL A 23 -7.72 -1.12 -0.47
CA VAL A 23 -8.33 -1.53 -1.74
C VAL A 23 -8.99 -0.34 -2.40
N GLY A 24 -9.61 0.53 -1.59
CA GLY A 24 -10.19 1.75 -2.13
C GLY A 24 -9.20 2.67 -2.82
N SER A 25 -7.95 2.73 -2.33
CA SER A 25 -6.93 3.54 -3.00
C SER A 25 -6.71 3.04 -4.43
N TRP A 26 -6.69 1.72 -4.62
CA TRP A 26 -6.49 1.21 -5.97
C TRP A 26 -7.75 1.33 -6.80
N ARG A 27 -8.92 1.25 -6.16
CA ARG A 27 -10.16 1.50 -6.90
C ARG A 27 -10.14 2.91 -7.48
N GLN A 28 -9.52 3.86 -6.78
CA GLN A 28 -9.37 5.20 -7.32
C GLN A 28 -8.52 5.20 -8.58
N ILE A 29 -7.50 4.35 -8.63
CA ILE A 29 -6.71 4.19 -9.86
C ILE A 29 -7.60 3.71 -11.00
N ILE A 30 -8.45 2.72 -10.73
CA ILE A 30 -9.26 2.16 -11.81
C ILE A 30 -10.22 3.20 -12.36
N ASP A 31 -10.74 4.07 -11.49
CA ASP A 31 -11.87 4.90 -11.88
C ASP A 31 -11.48 6.35 -12.20
N ALA A 32 -10.19 6.65 -12.26
CA ALA A 32 -9.77 7.98 -12.69
C ALA A 32 -10.10 8.20 -14.16
N ASP A 33 -10.22 9.47 -14.53
N ASP A 33 -10.25 9.47 -14.53
CA ASP A 33 -10.46 9.85 -15.91
CA ASP A 33 -10.49 9.81 -15.93
C ASP A 33 -9.15 9.88 -16.68
C ASP A 33 -9.15 9.86 -16.66
N TYR A 34 -8.99 9.00 -17.65
CA TYR A 34 -7.77 8.92 -18.43
C TYR A 34 -8.03 9.38 -19.85
N SER A 35 -7.04 10.04 -20.44
CA SER A 35 -7.12 10.45 -21.83
C SER A 35 -5.79 10.15 -22.51
N ALA A 36 -5.86 9.88 -23.81
CA ALA A 36 -4.64 9.61 -24.57
C ALA A 36 -3.67 10.78 -24.55
N ASP A 37 -4.14 11.98 -24.17
CA ASP A 37 -3.29 13.16 -24.05
C ASP A 37 -2.46 13.19 -22.78
N ASP A 38 -2.71 12.32 -21.79
CA ASP A 38 -2.04 12.44 -20.50
C ASP A 38 -0.53 12.34 -20.66
N THR A 39 0.19 13.18 -19.92
CA THR A 39 1.64 13.17 -19.94
C THR A 39 2.26 12.69 -18.63
N ARG A 40 1.48 12.55 -17.57
CA ARG A 40 2.00 12.06 -16.31
C ARG A 40 1.08 10.99 -15.74
N LEU A 41 1.67 10.05 -15.01
CA LEU A 41 0.94 8.95 -14.41
C LEU A 41 1.67 8.51 -13.15
N PRO A 42 0.97 7.88 -12.20
CA PRO A 42 1.67 7.23 -11.09
C PRO A 42 2.59 6.11 -11.56
N ASP A 43 3.49 5.70 -10.67
CA ASP A 43 4.32 4.52 -10.92
C ASP A 43 3.48 3.28 -10.60
N LEU A 44 2.66 2.89 -11.59
CA LEU A 44 1.59 1.91 -11.34
C LEU A 44 2.12 0.53 -10.95
N ALA A 45 3.21 0.07 -11.59
CA ALA A 45 3.73 -1.25 -11.25
C ALA A 45 4.13 -1.31 -9.78
N VAL A 46 4.85 -0.29 -9.32
CA VAL A 46 5.28 -0.24 -7.92
C VAL A 46 4.09 -0.07 -6.98
N LEU A 47 3.12 0.77 -7.36
CA LEU A 47 1.92 0.95 -6.54
C LEU A 47 1.16 -0.36 -6.38
N ALA A 48 0.99 -1.13 -7.46
CA ALA A 48 0.29 -2.40 -7.36
C ALA A 48 0.98 -3.36 -6.39
N ARG A 49 2.31 -3.47 -6.50
CA ARG A 49 3.05 -4.40 -5.65
C ARG A 49 2.99 -3.99 -4.19
N SER A 50 3.16 -2.70 -3.94
CA SER A 50 3.16 -2.23 -2.54
CA SER A 50 3.16 -2.27 -2.53
C SER A 50 1.78 -2.35 -1.92
N THR A 51 0.72 -2.10 -2.71
CA THR A 51 -0.61 -2.17 -2.14
C THR A 51 -0.98 -3.62 -1.81
N ALA A 52 -0.57 -4.58 -2.66
CA ALA A 52 -0.82 -5.98 -2.34
C ALA A 52 -0.08 -6.40 -1.08
N ARG A 53 1.18 -5.97 -0.94
CA ARG A 53 1.92 -6.32 0.26
C ARG A 53 1.25 -5.71 1.49
N ALA A 54 0.78 -4.47 1.36
CA ALA A 54 0.10 -3.80 2.48
C ALA A 54 -1.19 -4.52 2.87
N VAL A 55 -2.00 -4.95 1.89
CA VAL A 55 -3.24 -5.64 2.22
C VAL A 55 -2.96 -6.89 3.01
N ALA A 56 -1.95 -7.66 2.59
CA ALA A 56 -1.61 -8.89 3.31
C ALA A 56 -1.08 -8.57 4.71
N ALA A 57 -0.28 -7.52 4.82
CA ALA A 57 0.27 -7.15 6.14
C ALA A 57 -0.81 -6.65 7.09
N ALA A 58 -1.92 -6.15 6.57
CA ALA A 58 -2.97 -5.61 7.43
C ALA A 58 -3.77 -6.70 8.14
N VAL A 59 -3.68 -7.94 7.66
CA VAL A 59 -4.35 -9.07 8.31
C VAL A 59 -3.69 -9.32 9.65
N PRO A 60 -4.44 -9.31 10.76
CA PRO A 60 -3.83 -9.56 12.07
C PRO A 60 -3.35 -11.00 12.17
N ARG A 61 -2.24 -11.18 12.88
CA ARG A 61 -1.70 -12.51 13.07
C ARG A 61 -1.07 -12.57 14.46
N PRO A 62 -0.78 -13.76 14.98
CA PRO A 62 -0.25 -13.85 16.35
C PRO A 62 0.97 -12.97 16.56
N LEU A 63 1.06 -12.37 17.75
CA LEU A 63 2.16 -11.47 18.10
C LEU A 63 3.53 -12.10 17.82
N ALA A 64 3.66 -13.39 18.11
CA ALA A 64 4.91 -14.11 17.86
C ALA A 64 5.34 -14.05 16.40
N GLU A 65 4.43 -13.77 15.48
CA GLU A 65 4.75 -13.84 14.08
C GLU A 65 4.98 -12.49 13.42
N ILE A 66 4.77 -11.38 14.12
CA ILE A 66 4.96 -10.09 13.45
C ILE A 66 6.43 -9.69 13.50
N SER A 67 6.82 -8.84 12.55
CA SER A 67 8.20 -8.37 12.48
CA SER A 67 8.19 -8.35 12.47
C SER A 67 8.50 -7.36 13.58
N ALA A 68 9.72 -7.44 14.12
CA ALA A 68 10.22 -6.38 14.98
C ALA A 68 10.39 -5.10 14.17
N PRO A 69 10.30 -3.94 14.81
CA PRO A 69 10.38 -2.66 14.07
C PRO A 69 11.54 -2.54 13.07
N ASP A 70 12.75 -2.98 13.41
CA ASP A 70 13.88 -2.79 12.52
C ASP A 70 14.32 -4.07 11.82
N ALA A 71 13.51 -5.13 11.86
CA ALA A 71 13.96 -6.40 11.30
C ALA A 71 14.03 -6.32 9.77
N PRO A 72 14.98 -7.01 9.16
CA PRO A 72 15.04 -7.05 7.70
C PRO A 72 13.82 -7.78 7.12
N ASP A 73 13.53 -7.50 5.86
CA ASP A 73 12.41 -8.15 5.20
C ASP A 73 12.65 -9.65 5.12
N GLU A 74 11.66 -10.43 5.52
CA GLU A 74 11.73 -11.88 5.44
C GLU A 74 10.38 -12.40 4.99
N ARG A 75 10.41 -13.41 4.12
CA ARG A 75 9.21 -13.97 3.53
C ARG A 75 9.09 -15.44 3.91
N GLY A 76 7.86 -15.92 4.01
CA GLY A 76 7.61 -17.30 4.36
C GLY A 76 7.79 -18.24 3.19
N GLU A 77 7.59 -19.52 3.45
CA GLU A 77 7.65 -20.53 2.42
C GLU A 77 6.56 -20.30 1.37
N LEU A 78 6.85 -20.71 0.15
CA LEU A 78 5.94 -20.46 -0.98
C LEU A 78 4.72 -21.37 -0.89
N VAL A 79 3.56 -20.80 -1.14
CA VAL A 79 2.34 -21.56 -1.43
C VAL A 79 2.08 -21.42 -2.92
N LEU A 80 1.84 -22.55 -3.60
CA LEU A 80 1.74 -22.59 -5.05
C LEU A 80 0.47 -23.32 -5.48
N LEU A 81 -0.30 -22.70 -6.37
CA LEU A 81 -1.46 -23.34 -6.98
C LEU A 81 -1.30 -23.18 -8.49
N GLU A 82 -1.09 -24.29 -9.21
CA GLU A 82 -0.78 -24.18 -10.63
C GLU A 82 -1.71 -25.09 -11.43
N LYS A 83 -1.59 -24.98 -12.77
CA LYS A 83 -2.38 -25.77 -13.72
C LYS A 83 -3.88 -25.50 -13.56
N VAL A 84 -4.20 -24.28 -13.17
CA VAL A 84 -5.57 -23.84 -12.95
C VAL A 84 -6.09 -23.29 -14.26
N ILE A 85 -7.36 -23.56 -14.58
CA ILE A 85 -7.96 -23.00 -15.79
C ILE A 85 -9.03 -22.01 -15.39
N GLN A 86 -9.02 -20.82 -16.00
CA GLN A 86 -10.05 -19.83 -15.72
C GLN A 86 -10.78 -19.54 -17.02
N GLU A 87 -12.11 -19.58 -16.97
CA GLU A 87 -12.92 -19.40 -18.17
C GLU A 87 -13.91 -18.27 -17.96
N VAL A 88 -13.95 -17.34 -18.90
CA VAL A 88 -14.88 -16.22 -18.83
C VAL A 88 -16.31 -16.73 -18.79
N ALA A 89 -17.08 -16.22 -17.85
CA ALA A 89 -18.52 -16.48 -17.76
C ALA A 89 -19.32 -15.35 -18.41
N ASP A 90 -19.19 -14.13 -17.88
CA ASP A 90 -19.86 -12.96 -18.44
C ASP A 90 -18.86 -11.82 -18.65
N ARG A 91 -19.17 -10.96 -19.63
CA ARG A 91 -18.33 -9.81 -19.92
C ARG A 91 -19.23 -8.65 -20.30
N GLU A 92 -18.97 -7.48 -19.71
CA GLU A 92 -19.63 -6.23 -20.06
C GLU A 92 -18.60 -5.24 -20.58
N TYR A 93 -18.86 -4.68 -21.76
CA TYR A 93 -17.93 -3.76 -22.40
C TYR A 93 -18.67 -3.00 -23.48
N THR A 94 -18.70 -1.69 -23.36
CA THR A 94 -19.22 -0.81 -24.42
C THR A 94 -18.08 0.09 -24.86
N PRO A 95 -17.51 -0.14 -26.03
CA PRO A 95 -16.34 0.66 -26.45
C PRO A 95 -16.68 2.14 -26.58
N LEU A 96 -15.72 2.97 -26.16
CA LEU A 96 -15.84 4.42 -26.35
C LEU A 96 -15.71 4.80 -27.81
N SER A 97 -14.98 4.02 -28.59
CA SER A 97 -14.69 4.39 -29.97
C SER A 97 -14.99 3.21 -30.89
N PRO A 98 -15.56 3.47 -32.07
CA PRO A 98 -15.78 2.37 -33.02
C PRO A 98 -14.51 1.85 -33.65
N GLU A 99 -13.40 2.59 -33.54
CA GLU A 99 -12.13 2.18 -34.11
C GLU A 99 -11.59 0.89 -33.48
N GLY A 100 -11.83 0.69 -32.20
CA GLY A 100 -11.19 -0.35 -31.44
C GLY A 100 -10.98 0.12 -30.01
N PRO A 101 -10.25 -0.65 -29.21
CA PRO A 101 -10.04 -0.27 -27.80
C PRO A 101 -9.34 1.08 -27.71
N SER A 102 -9.71 1.86 -26.69
CA SER A 102 -9.16 3.21 -26.57
C SER A 102 -8.97 3.54 -25.09
N VAL A 103 -8.11 4.54 -24.83
CA VAL A 103 -7.83 4.96 -23.47
C VAL A 103 -9.12 5.39 -22.79
N GLY A 104 -9.34 4.88 -21.59
CA GLY A 104 -10.57 5.13 -20.86
C GLY A 104 -11.59 4.01 -20.92
N ASP A 105 -11.42 3.04 -21.83
CA ASP A 105 -12.36 1.94 -21.91
C ASP A 105 -12.41 1.16 -20.60
N LEU A 106 -13.60 0.64 -20.29
CA LEU A 106 -13.84 -0.11 -19.05
C LEU A 106 -14.44 -1.47 -19.39
N VAL A 107 -13.92 -2.53 -18.79
CA VAL A 107 -14.43 -3.88 -19.01
C VAL A 107 -14.72 -4.49 -17.66
N LEU A 108 -15.90 -5.07 -17.49
CA LEU A 108 -16.21 -5.90 -16.34
C LEU A 108 -16.29 -7.36 -16.78
N VAL A 109 -15.66 -8.25 -16.02
CA VAL A 109 -15.65 -9.65 -16.44
C VAL A 109 -15.80 -10.52 -15.20
N THR A 110 -16.47 -11.66 -15.37
CA THR A 110 -16.48 -12.69 -14.34
C THR A 110 -15.93 -13.98 -14.92
N GLU A 111 -15.37 -14.84 -14.07
CA GLU A 111 -14.81 -16.09 -14.54
C GLU A 111 -15.11 -17.18 -13.54
N LYS A 112 -15.13 -18.40 -14.04
CA LYS A 112 -15.11 -19.60 -13.22
C LYS A 112 -13.71 -20.18 -13.24
N ILE A 113 -13.30 -20.76 -12.12
CA ILE A 113 -11.95 -21.26 -11.93
C ILE A 113 -12.03 -22.77 -11.69
N TYR A 114 -11.25 -23.55 -12.46
CA TYR A 114 -11.30 -25.01 -12.43
C TYR A 114 -9.94 -25.62 -12.15
N ASN A 115 -9.92 -26.80 -11.51
CA ASN A 115 -8.70 -27.59 -11.49
C ASN A 115 -8.63 -28.49 -12.73
N SER A 116 -7.57 -29.29 -12.81
CA SER A 116 -7.35 -30.11 -14.00
C SER A 116 -8.39 -31.21 -14.17
N ASP A 117 -9.16 -31.54 -13.12
CA ASP A 117 -10.25 -32.49 -13.23
C ASP A 117 -11.58 -31.82 -13.56
N ARG A 118 -11.55 -30.53 -13.90
CA ARG A 118 -12.72 -29.74 -14.25
C ARG A 118 -13.68 -29.58 -13.07
N GLU A 119 -13.19 -29.69 -11.84
CA GLU A 119 -14.01 -29.28 -10.70
C GLU A 119 -13.91 -27.77 -10.54
N GLU A 120 -15.05 -27.12 -10.34
CA GLU A 120 -15.08 -25.68 -10.09
C GLU A 120 -14.55 -25.42 -8.69
N ILE A 121 -13.43 -24.72 -8.60
CA ILE A 121 -12.75 -24.45 -7.33
C ILE A 121 -12.81 -22.98 -6.93
N GLY A 122 -13.42 -22.13 -7.75
CA GLY A 122 -13.48 -20.73 -7.38
C GLY A 122 -14.11 -19.90 -8.48
N ALA A 123 -14.08 -18.59 -8.28
CA ALA A 123 -14.68 -17.63 -9.19
C ALA A 123 -14.01 -16.29 -8.95
N ASP A 124 -14.01 -15.44 -9.98
CA ASP A 124 -13.48 -14.11 -9.77
C ASP A 124 -14.24 -13.11 -10.62
N THR A 125 -14.09 -11.84 -10.24
CA THR A 125 -14.68 -10.72 -10.95
C THR A 125 -13.58 -9.71 -11.18
N GLY A 126 -13.50 -9.15 -12.37
CA GLY A 126 -12.47 -8.17 -12.70
C GLY A 126 -13.06 -6.86 -13.19
N ARG A 127 -12.42 -5.76 -12.81
N ARG A 127 -12.43 -5.77 -12.79
CA ARG A 127 -12.72 -4.42 -13.31
CA ARG A 127 -12.72 -4.44 -13.33
C ARG A 127 -11.45 -3.93 -14.00
C ARG A 127 -11.45 -3.96 -14.01
N LEU A 128 -11.51 -3.74 -15.33
CA LEU A 128 -10.33 -3.48 -16.13
C LEU A 128 -10.46 -2.13 -16.81
N ARG A 129 -9.43 -1.31 -16.75
CA ARG A 129 -9.47 0.01 -17.40
C ARG A 129 -8.26 0.20 -18.29
N ILE A 130 -8.46 0.65 -19.54
CA ILE A 130 -7.32 1.01 -20.37
C ILE A 130 -6.83 2.39 -19.93
N ILE A 131 -5.58 2.46 -19.46
CA ILE A 131 -5.09 3.66 -18.77
C ILE A 131 -4.23 4.50 -19.70
N ARG A 132 -3.59 3.91 -20.71
CA ARG A 132 -2.74 4.72 -21.59
C ARG A 132 -2.43 3.98 -22.89
N LYS A 133 -2.06 4.77 -23.90
CA LYS A 133 -1.51 4.28 -25.16
C LYS A 133 -0.10 4.82 -25.28
N ASP A 134 0.87 3.93 -25.43
CA ASP A 134 2.26 4.36 -25.44
C ASP A 134 2.54 5.15 -26.70
N PRO A 135 3.09 6.37 -26.59
CA PRO A 135 3.28 7.20 -27.80
C PRO A 135 4.30 6.63 -28.78
N GLU A 136 5.19 5.75 -28.34
CA GLU A 136 6.23 5.23 -29.22
C GLU A 136 5.83 3.91 -29.88
N THR A 137 5.30 2.96 -29.10
CA THR A 137 4.91 1.67 -29.64
C THR A 137 3.43 1.59 -30.03
N GLY A 138 2.59 2.47 -29.49
CA GLY A 138 1.16 2.36 -29.72
C GLY A 138 0.48 1.30 -28.90
N HIS A 139 1.20 0.63 -28.02
CA HIS A 139 0.59 -0.42 -27.22
C HIS A 139 -0.22 0.19 -26.09
N HIS A 140 -1.28 -0.51 -25.71
CA HIS A 140 -2.19 -0.07 -24.67
C HIS A 140 -1.85 -0.81 -23.39
N PHE A 141 -2.00 -0.11 -22.28
CA PHE A 141 -1.76 -0.66 -20.96
C PHE A 141 -3.03 -0.50 -20.14
N THR A 142 -3.24 -1.44 -19.23
CA THR A 142 -4.48 -1.52 -18.49
C THR A 142 -4.18 -1.68 -17.01
N VAL A 143 -5.10 -1.19 -16.19
CA VAL A 143 -5.05 -1.48 -14.77
C VAL A 143 -6.27 -2.33 -14.41
N SER A 144 -6.08 -3.22 -13.46
CA SER A 144 -7.16 -4.15 -13.13
C SER A 144 -7.29 -4.25 -11.62
N LEU A 145 -8.53 -4.44 -11.18
CA LEU A 145 -8.84 -4.78 -9.80
C LEU A 145 -9.65 -6.06 -9.83
N VAL A 146 -9.12 -7.13 -9.26
CA VAL A 146 -9.75 -8.44 -9.32
C VAL A 146 -10.10 -8.86 -7.90
N THR A 147 -11.31 -9.38 -7.72
CA THR A 147 -11.73 -9.99 -6.47
CA THR A 147 -11.75 -9.99 -6.46
C THR A 147 -12.08 -11.45 -6.72
N SER A 148 -11.64 -12.35 -5.83
N SER A 148 -11.58 -12.34 -5.86
CA SER A 148 -11.68 -13.76 -6.16
CA SER A 148 -11.67 -13.78 -6.14
C SER A 148 -11.82 -14.61 -4.91
C SER A 148 -11.99 -14.55 -4.86
N THR A 149 -12.42 -15.78 -5.08
CA THR A 149 -12.42 -16.83 -4.06
C THR A 149 -11.89 -18.07 -4.75
N VAL A 150 -10.81 -18.67 -4.22
CA VAL A 150 -10.16 -19.82 -4.84
C VAL A 150 -9.86 -20.82 -3.74
N GLN A 151 -10.48 -22.00 -3.79
CA GLN A 151 -10.27 -23.04 -2.77
C GLN A 151 -10.49 -22.49 -1.36
N GLY A 152 -11.51 -21.65 -1.20
CA GLY A 152 -11.81 -21.11 0.11
C GLY A 152 -10.95 -19.94 0.55
N ASN A 153 -10.09 -19.43 -0.32
CA ASN A 153 -9.27 -18.26 -0.02
C ASN A 153 -9.86 -17.04 -0.71
N LYS A 154 -9.99 -15.95 0.04
CA LYS A 154 -10.52 -14.70 -0.48
C LYS A 154 -9.38 -13.77 -0.85
N LEU A 155 -9.39 -13.27 -2.10
CA LEU A 155 -8.24 -12.58 -2.67
C LEU A 155 -8.67 -11.25 -3.26
N PHE A 156 -7.75 -10.27 -3.18
CA PHE A 156 -7.75 -9.08 -4.03
C PHE A 156 -6.51 -9.14 -4.93
N ALA A 157 -6.64 -8.65 -6.16
CA ALA A 157 -5.46 -8.56 -7.00
C ALA A 157 -5.45 -7.22 -7.70
N PHE A 158 -4.25 -6.65 -7.83
CA PHE A 158 -4.04 -5.32 -8.43
C PHE A 158 -3.06 -5.49 -9.60
N GLY A 159 -3.45 -5.04 -10.79
CA GLY A 159 -2.63 -5.27 -11.97
C GLY A 159 -2.37 -4.03 -12.81
N TYR A 160 -1.18 -4.00 -13.41
CA TYR A 160 -0.82 -3.03 -14.43
C TYR A 160 -0.13 -3.84 -15.54
N THR A 161 -0.79 -3.96 -16.69
CA THR A 161 -0.32 -4.92 -17.69
C THR A 161 -0.45 -4.34 -19.10
N GLU A 162 0.26 -4.96 -20.03
CA GLU A 162 0.24 -4.58 -21.44
C GLU A 162 -0.79 -5.41 -22.19
N MET A 163 -1.65 -4.75 -22.95
CA MET A 163 -2.75 -5.44 -23.62
C MET A 163 -2.25 -6.26 -24.79
N GLU A 164 -1.44 -5.67 -25.68
CA GLU A 164 -1.00 -6.40 -26.86
C GLU A 164 -0.20 -7.65 -26.48
N ALA A 165 0.63 -7.55 -25.43
CA ALA A 165 1.45 -8.70 -25.06
C ALA A 165 0.58 -9.86 -24.59
N GLN A 166 -0.49 -9.55 -23.85
CA GLN A 166 -1.38 -10.61 -23.38
C GLN A 166 -2.06 -11.29 -24.56
N LEU A 167 -2.54 -10.50 -25.52
CA LEU A 167 -3.27 -11.05 -26.67
C LEU A 167 -2.39 -11.97 -27.50
N ALA A 168 -1.08 -11.72 -27.52
CA ALA A 168 -0.16 -12.53 -28.31
C ALA A 168 0.32 -13.76 -27.56
N GLY A 169 -0.25 -14.02 -26.37
CA GLY A 169 0.09 -15.20 -25.61
C GLY A 169 1.20 -15.03 -24.59
N GLY A 170 1.60 -13.80 -24.29
CA GLY A 170 2.66 -13.60 -23.31
C GLY A 170 2.15 -13.78 -21.90
N ARG A 171 3.04 -14.23 -21.02
CA ARG A 171 2.67 -14.37 -19.62
C ARG A 171 2.37 -12.99 -19.03
N THR A 172 1.23 -12.89 -18.35
CA THR A 172 0.74 -11.63 -17.80
C THR A 172 0.61 -11.82 -16.30
N THR A 173 1.06 -10.84 -15.52
CA THR A 173 1.19 -11.02 -14.07
C THR A 173 0.56 -9.85 -13.32
N ILE A 174 -0.21 -10.17 -12.27
CA ILE A 174 -0.75 -9.15 -11.37
C ILE A 174 -0.41 -9.53 -9.93
N GLN A 175 -0.62 -8.57 -9.02
CA GLN A 175 -0.17 -8.68 -7.63
C GLN A 175 -1.35 -9.05 -6.74
N VAL A 176 -1.24 -10.15 -5.98
CA VAL A 176 -2.37 -10.75 -5.27
CA VAL A 176 -2.38 -10.69 -5.27
C VAL A 176 -2.10 -10.75 -3.78
N ALA A 177 -3.17 -10.53 -3.00
CA ALA A 177 -3.11 -10.66 -1.54
C ALA A 177 -4.34 -11.41 -1.06
N CYS A 178 -4.14 -12.30 -0.09
CA CYS A 178 -5.24 -13.07 0.51
C CYS A 178 -5.57 -12.50 1.88
N TRP A 179 -6.85 -12.23 2.12
CA TRP A 179 -7.25 -11.62 3.39
C TRP A 179 -8.11 -12.53 4.25
N ASP A 180 -8.50 -13.70 3.75
CA ASP A 180 -9.29 -14.64 4.57
C ASP A 180 -9.10 -16.04 4.01
N GLY A 181 -9.03 -17.01 4.91
CA GLY A 181 -8.85 -18.39 4.51
C GLY A 181 -7.46 -18.91 4.87
N PRO A 182 -7.16 -20.14 4.42
CA PRO A 182 -5.83 -20.73 4.70
C PRO A 182 -4.65 -19.85 4.30
N TRP A 183 -4.77 -19.07 3.23
CA TRP A 183 -3.67 -18.23 2.79
C TRP A 183 -3.70 -16.83 3.39
N ALA A 184 -4.53 -16.59 4.41
CA ALA A 184 -4.72 -15.22 4.91
C ALA A 184 -3.39 -14.62 5.33
N GLY A 185 -3.18 -13.36 4.92
CA GLY A 185 -1.96 -12.67 5.26
C GLY A 185 -0.79 -12.96 4.34
N MET A 186 -1.02 -13.65 3.24
CA MET A 186 0.00 -13.94 2.25
C MET A 186 -0.24 -13.07 1.01
N SER A 187 0.85 -12.80 0.29
CA SER A 187 0.80 -12.02 -0.95
C SER A 187 1.84 -12.55 -1.93
N GLY A 188 1.64 -12.22 -3.21
CA GLY A 188 2.56 -12.66 -4.24
C GLY A 188 1.99 -12.35 -5.60
N THR A 189 2.03 -13.31 -6.53
CA THR A 189 1.66 -13.03 -7.91
C THR A 189 0.59 -13.99 -8.38
N LEU A 190 -0.23 -13.49 -9.30
CA LEU A 190 -1.15 -14.31 -10.07
C LEU A 190 -0.81 -14.08 -11.52
N SER A 191 -0.35 -15.12 -12.19
CA SER A 191 0.09 -15.00 -13.57
CA SER A 191 0.05 -14.97 -13.57
C SER A 191 -0.72 -15.94 -14.45
N TRP A 192 -0.84 -15.58 -15.72
CA TRP A 192 -1.58 -16.44 -16.64
C TRP A 192 -1.03 -16.30 -18.05
N VAL A 193 -1.36 -17.28 -18.86
CA VAL A 193 -1.18 -17.25 -20.31
C VAL A 193 -2.51 -17.60 -20.94
N ILE A 194 -2.99 -16.79 -21.89
CA ILE A 194 -4.31 -17.05 -22.46
C ILE A 194 -4.24 -18.23 -23.42
N ASN A 195 -5.32 -19.02 -23.46
CA ASN A 195 -5.49 -20.05 -24.48
C ASN A 195 -6.35 -19.56 -25.63
N SER A 196 -7.21 -18.58 -25.37
CA SER A 196 -8.15 -18.01 -26.33
C SER A 196 -8.63 -16.68 -25.75
N MET A 197 -9.64 -16.08 -26.39
CA MET A 197 -10.20 -14.88 -25.81
C MET A 197 -11.08 -15.15 -24.60
N THR A 198 -11.35 -16.41 -24.27
CA THR A 198 -12.22 -16.72 -23.14
C THR A 198 -11.68 -17.75 -22.16
N ALA A 199 -10.41 -18.15 -22.28
CA ALA A 199 -9.87 -19.11 -21.32
C ALA A 199 -8.38 -18.86 -21.14
N ALA A 200 -7.88 -19.11 -19.92
CA ALA A 200 -6.48 -18.90 -19.63
C ALA A 200 -6.02 -19.95 -18.62
N GLU A 201 -4.74 -20.25 -18.64
CA GLU A 201 -4.14 -21.10 -17.61
C GLU A 201 -3.39 -20.20 -16.63
N SER A 202 -3.65 -20.37 -15.33
CA SER A 202 -3.15 -19.42 -14.34
C SER A 202 -2.31 -20.14 -13.28
N ARG A 203 -1.59 -19.32 -12.51
CA ARG A 203 -0.64 -19.79 -11.51
C ARG A 203 -0.62 -18.79 -10.36
N TYR A 204 -0.83 -19.27 -9.13
CA TYR A 204 -0.83 -18.46 -7.92
C TYR A 204 0.42 -18.77 -7.11
N GLU A 205 1.19 -17.74 -6.78
CA GLU A 205 2.38 -17.92 -5.94
C GLU A 205 2.29 -16.92 -4.81
N LEU A 206 2.20 -17.40 -3.57
CA LEU A 206 2.05 -16.49 -2.45
C LEU A 206 2.99 -16.88 -1.31
N ARG A 207 3.37 -15.89 -0.52
CA ARG A 207 4.23 -16.08 0.64
C ARG A 207 3.79 -15.14 1.77
N ARG A 208 3.97 -15.60 3.00
CA ARG A 208 3.90 -14.66 4.12
C ARG A 208 4.91 -13.52 3.94
N SER B 6 -3.05 25.34 20.35
CA SER B 6 -3.76 24.08 20.32
C SER B 6 -3.45 23.30 19.04
N ILE B 7 -2.98 22.06 19.21
CA ILE B 7 -2.55 21.26 18.07
C ILE B 7 -3.76 20.82 17.27
N ASP B 8 -3.70 20.97 15.94
CA ASP B 8 -4.71 20.49 15.00
C ASP B 8 -4.50 19.01 14.71
N PRO B 9 -5.45 18.15 15.12
CA PRO B 9 -5.23 16.69 14.98
C PRO B 9 -5.61 16.12 13.63
N THR B 10 -6.20 16.90 12.73
CA THR B 10 -6.68 16.37 11.46
C THR B 10 -5.54 16.21 10.47
N THR B 11 -5.55 15.09 9.77
CA THR B 11 -4.54 14.85 8.73
C THR B 11 -4.84 15.73 7.53
N PRO B 12 -3.86 16.47 7.01
CA PRO B 12 -4.12 17.30 5.83
C PRO B 12 -4.35 16.44 4.59
N LEU B 13 -5.30 16.85 3.77
CA LEU B 13 -5.55 16.14 2.51
C LEU B 13 -4.60 16.63 1.42
N THR B 14 -4.16 15.70 0.58
CA THR B 14 -3.34 16.05 -0.57
C THR B 14 -4.19 16.39 -1.78
N TYR B 15 -5.44 15.95 -1.78
CA TYR B 15 -6.39 15.99 -2.90
C TYR B 15 -5.97 15.06 -4.04
N ASN B 16 -4.94 14.24 -3.82
CA ASN B 16 -4.68 13.05 -4.63
C ASN B 16 -5.47 11.92 -3.98
N PRO B 17 -6.58 11.47 -4.57
CA PRO B 17 -7.46 10.53 -3.85
C PRO B 17 -6.80 9.20 -3.52
N VAL B 18 -5.79 8.78 -4.28
CA VAL B 18 -5.08 7.54 -3.96
C VAL B 18 -4.28 7.72 -2.68
N ILE B 19 -3.47 8.78 -2.65
CA ILE B 19 -2.68 9.08 -1.44
C ILE B 19 -3.59 9.28 -0.24
N ASP B 20 -4.67 10.04 -0.40
CA ASP B 20 -5.52 10.29 0.77
C ASP B 20 -6.13 9.00 1.31
N ALA B 21 -6.44 8.05 0.42
CA ALA B 21 -6.91 6.74 0.91
C ALA B 21 -5.78 5.95 1.58
N LEU B 22 -4.57 5.98 1.01
CA LEU B 22 -3.46 5.23 1.61
C LEU B 22 -3.15 5.79 3.00
N VAL B 23 -3.09 7.11 3.11
CA VAL B 23 -2.82 7.69 4.41
C VAL B 23 -3.95 7.39 5.36
N GLY B 24 -5.19 7.43 4.85
CA GLY B 24 -6.33 7.11 5.69
C GLY B 24 -6.28 5.69 6.22
N SER B 25 -5.68 4.76 5.46
CA SER B 25 -5.58 3.40 5.96
C SER B 25 -4.68 3.34 7.19
N TRP B 26 -3.59 4.10 7.18
CA TRP B 26 -2.71 4.11 8.33
C TRP B 26 -3.32 4.88 9.49
N ARG B 27 -4.11 5.91 9.19
CA ARG B 27 -4.84 6.58 10.26
C ARG B 27 -5.76 5.60 10.99
N GLN B 28 -6.33 4.61 10.25
CA GLN B 28 -7.13 3.57 10.90
C GLN B 28 -6.31 2.71 11.84
N ILE B 29 -5.02 2.51 11.55
CA ILE B 29 -4.12 1.82 12.46
C ILE B 29 -3.93 2.63 13.73
N ILE B 30 -3.74 3.96 13.59
CA ILE B 30 -3.50 4.81 14.77
C ILE B 30 -4.72 4.77 15.68
N ASP B 31 -5.91 4.73 15.08
CA ASP B 31 -7.14 4.90 15.86
C ASP B 31 -7.87 3.58 16.11
N ALA B 32 -7.23 2.44 15.87
CA ALA B 32 -7.82 1.15 16.20
C ALA B 32 -7.96 1.00 17.70
N ASP B 33 -8.72 -0.03 18.11
CA ASP B 33 -8.89 -0.36 19.52
C ASP B 33 -7.79 -1.34 19.93
N TYR B 34 -6.94 -0.91 20.85
CA TYR B 34 -5.85 -1.74 21.34
C TYR B 34 -6.09 -2.07 22.81
N SER B 35 -5.72 -3.27 23.20
CA SER B 35 -5.92 -3.75 24.56
C SER B 35 -4.69 -4.50 25.01
N ALA B 36 -4.38 -4.41 26.32
CA ALA B 36 -3.28 -5.19 26.87
C ALA B 36 -3.53 -6.69 26.71
N ASP B 37 -4.77 -7.10 26.44
CA ASP B 37 -5.13 -8.50 26.24
C ASP B 37 -4.97 -8.97 24.79
N ASP B 38 -4.55 -8.10 23.87
CA ASP B 38 -4.49 -8.48 22.46
C ASP B 38 -3.52 -9.64 22.24
N THR B 39 -3.92 -10.60 21.41
CA THR B 39 -3.04 -11.69 21.01
C THR B 39 -2.64 -11.64 19.55
N ARG B 40 -3.29 -10.80 18.73
CA ARG B 40 -2.94 -10.67 17.32
C ARG B 40 -2.85 -9.19 16.97
N LEU B 41 -1.99 -8.88 16.00
CA LEU B 41 -1.82 -7.54 15.47
C LEU B 41 -1.51 -7.66 13.99
N PRO B 42 -1.80 -6.64 13.20
CA PRO B 42 -1.24 -6.59 11.85
C PRO B 42 0.28 -6.66 11.90
N ASP B 43 0.88 -6.96 10.76
CA ASP B 43 2.34 -6.94 10.63
C ASP B 43 2.76 -5.49 10.39
N LEU B 44 2.82 -4.72 11.49
CA LEU B 44 2.86 -3.26 11.42
C LEU B 44 4.11 -2.76 10.73
N ALA B 45 5.27 -3.40 10.96
CA ALA B 45 6.50 -2.91 10.35
C ALA B 45 6.43 -3.04 8.83
N VAL B 46 5.94 -4.19 8.35
CA VAL B 46 5.78 -4.35 6.90
C VAL B 46 4.71 -3.42 6.38
N LEU B 47 3.60 -3.25 7.12
CA LEU B 47 2.55 -2.34 6.68
C LEU B 47 3.06 -0.91 6.56
N ALA B 48 3.84 -0.43 7.54
CA ALA B 48 4.37 0.92 7.43
C ALA B 48 5.27 1.07 6.21
N ARG B 49 6.14 0.09 5.97
CA ARG B 49 7.09 0.20 4.86
C ARG B 49 6.36 0.17 3.53
N SER B 50 5.38 -0.73 3.39
CA SER B 50 4.65 -0.84 2.12
CA SER B 50 4.68 -0.83 2.11
C SER B 50 3.79 0.38 1.87
N THR B 51 3.15 0.92 2.93
CA THR B 51 2.31 2.10 2.74
C THR B 51 3.15 3.31 2.32
N ALA B 52 4.35 3.48 2.90
CA ALA B 52 5.19 4.58 2.47
C ALA B 52 5.62 4.42 1.01
N ARG B 53 5.96 3.19 0.61
CA ARG B 53 6.33 2.96 -0.79
C ARG B 53 5.17 3.28 -1.71
N ALA B 54 3.95 2.93 -1.28
CA ALA B 54 2.76 3.16 -2.12
C ALA B 54 2.48 4.64 -2.25
N VAL B 55 2.59 5.39 -1.16
CA VAL B 55 2.33 6.82 -1.24
C VAL B 55 3.26 7.48 -2.24
N ALA B 56 4.55 7.11 -2.21
CA ALA B 56 5.51 7.68 -3.14
C ALA B 56 5.19 7.28 -4.58
N ALA B 57 4.80 6.03 -4.79
CA ALA B 57 4.48 5.53 -6.13
C ALA B 57 3.23 6.19 -6.70
N ALA B 58 2.30 6.61 -5.83
CA ALA B 58 1.06 7.25 -6.28
C ALA B 58 1.26 8.66 -6.84
N VAL B 59 2.42 9.28 -6.62
CA VAL B 59 2.75 10.59 -7.20
C VAL B 59 2.86 10.49 -8.72
N PRO B 60 2.10 11.29 -9.48
CA PRO B 60 2.26 11.25 -10.95
C PRO B 60 3.62 11.80 -11.36
N ARG B 61 4.16 11.24 -12.44
CA ARG B 61 5.48 11.59 -12.94
C ARG B 61 5.48 11.42 -14.45
N PRO B 62 6.48 11.98 -15.14
CA PRO B 62 6.58 11.79 -16.59
C PRO B 62 6.53 10.32 -16.97
N LEU B 63 5.84 10.03 -18.08
CA LEU B 63 5.64 8.66 -18.54
C LEU B 63 6.96 7.90 -18.63
N ALA B 64 8.01 8.55 -19.11
CA ALA B 64 9.30 7.87 -19.27
C ALA B 64 9.92 7.45 -17.95
N GLU B 65 9.42 7.95 -16.82
CA GLU B 65 9.99 7.61 -15.53
C GLU B 65 9.30 6.42 -14.86
N ILE B 66 8.17 5.93 -15.39
CA ILE B 66 7.45 4.88 -14.69
C ILE B 66 7.98 3.51 -15.10
N SER B 67 7.88 2.57 -14.17
CA SER B 67 8.38 1.22 -14.38
CA SER B 67 8.39 1.23 -14.39
C SER B 67 7.50 0.44 -15.34
N ALA B 68 8.12 -0.43 -16.13
CA ALA B 68 7.38 -1.39 -16.94
C ALA B 68 6.69 -2.42 -16.05
N PRO B 69 5.63 -3.08 -16.55
CA PRO B 69 4.85 -3.99 -15.69
C PRO B 69 5.64 -5.03 -14.90
N ASP B 70 6.61 -5.73 -15.48
CA ASP B 70 7.33 -6.70 -14.68
C ASP B 70 8.79 -6.32 -14.45
N ALA B 71 9.10 -5.03 -14.50
CA ALA B 71 10.45 -4.58 -14.22
C ALA B 71 10.83 -4.92 -12.78
N PRO B 72 12.07 -5.31 -12.54
CA PRO B 72 12.51 -5.56 -11.16
C PRO B 72 12.54 -4.27 -10.36
N ASP B 73 12.52 -4.42 -9.04
CA ASP B 73 12.63 -3.26 -8.18
C ASP B 73 13.96 -2.56 -8.44
N GLU B 74 13.89 -1.25 -8.64
CA GLU B 74 15.08 -0.46 -8.94
C GLU B 74 14.88 0.90 -8.30
N ARG B 75 15.76 1.26 -7.38
CA ARG B 75 15.66 2.53 -6.68
C ARG B 75 16.61 3.55 -7.28
N GLY B 76 16.22 4.83 -7.20
CA GLY B 76 17.04 5.91 -7.69
C GLY B 76 18.16 6.28 -6.73
N GLU B 77 18.83 7.38 -7.06
CA GLU B 77 19.94 7.85 -6.26
C GLU B 77 19.46 8.36 -4.90
N LEU B 78 20.34 8.23 -3.91
CA LEU B 78 20.00 8.64 -2.55
C LEU B 78 19.96 10.15 -2.42
N VAL B 79 18.91 10.64 -1.76
CA VAL B 79 18.90 12.01 -1.23
C VAL B 79 19.02 11.91 0.28
N LEU B 80 19.93 12.70 0.85
CA LEU B 80 20.29 12.58 2.25
C LEU B 80 20.30 13.96 2.88
N LEU B 81 19.61 14.09 4.01
CA LEU B 81 19.63 15.29 4.82
C LEU B 81 19.84 14.86 6.26
N GLU B 82 20.96 15.25 6.86
CA GLU B 82 21.27 14.77 8.20
C GLU B 82 21.71 15.92 9.11
N LYS B 83 21.87 15.56 10.38
CA LYS B 83 22.15 16.51 11.45
C LYS B 83 21.05 17.58 11.53
N VAL B 84 19.83 17.18 11.18
CA VAL B 84 18.66 18.04 11.30
C VAL B 84 18.23 18.10 12.76
N ILE B 85 17.92 19.30 13.25
CA ILE B 85 17.46 19.46 14.63
C ILE B 85 15.95 19.67 14.61
N GLN B 86 15.24 18.88 15.41
CA GLN B 86 13.78 19.03 15.54
C GLN B 86 13.48 19.35 16.99
N GLU B 87 12.81 20.47 17.21
CA GLU B 87 12.53 20.98 18.55
C GLU B 87 11.02 21.00 18.78
N VAL B 88 10.58 20.39 19.88
CA VAL B 88 9.16 20.39 20.21
C VAL B 88 8.68 21.82 20.38
N ALA B 89 7.57 22.15 19.70
CA ALA B 89 6.88 23.43 19.86
C ALA B 89 5.72 23.32 20.84
N ASP B 90 4.84 22.35 20.62
CA ASP B 90 3.75 22.04 21.54
C ASP B 90 3.58 20.54 21.60
N ARG B 91 3.11 20.06 22.75
CA ARG B 91 2.83 18.65 22.94
C ARG B 91 1.56 18.54 23.78
N GLU B 92 0.71 17.58 23.44
CA GLU B 92 -0.53 17.36 24.18
C GLU B 92 -0.60 15.89 24.57
N TYR B 93 -0.66 15.63 25.87
CA TYR B 93 -0.70 14.26 26.37
C TYR B 93 -1.50 14.28 27.65
N THR B 94 -2.65 13.60 27.64
CA THR B 94 -3.42 13.39 28.85
C THR B 94 -3.42 11.90 29.14
N PRO B 95 -2.65 11.43 30.12
CA PRO B 95 -2.56 9.98 30.35
C PRO B 95 -3.91 9.38 30.74
N LEU B 96 -4.16 8.16 30.24
CA LEU B 96 -5.33 7.39 30.65
C LEU B 96 -5.24 6.96 32.10
N SER B 97 -4.03 6.84 32.62
CA SER B 97 -3.85 6.37 33.98
C SER B 97 -2.81 7.23 34.70
N PRO B 98 -3.00 7.48 36.00
CA PRO B 98 -1.95 8.14 36.79
C PRO B 98 -0.72 7.28 37.00
N GLU B 99 -0.81 5.97 36.76
CA GLU B 99 0.29 5.08 37.08
C GLU B 99 1.38 5.06 36.02
N GLY B 100 1.17 5.73 34.88
CA GLY B 100 2.15 5.78 33.84
C GLY B 100 1.51 5.52 32.48
N PRO B 101 2.33 5.50 31.43
CA PRO B 101 1.77 5.30 30.08
C PRO B 101 1.08 3.96 29.97
N SER B 102 0.02 3.92 29.15
CA SER B 102 -0.75 2.70 29.05
C SER B 102 -1.21 2.51 27.62
N VAL B 103 -1.57 1.26 27.33
CA VAL B 103 -2.06 0.92 25.98
C VAL B 103 -3.31 1.74 25.71
N GLY B 104 -3.35 2.37 24.54
CA GLY B 104 -4.42 3.27 24.20
C GLY B 104 -4.11 4.75 24.36
N ASP B 105 -3.03 5.09 25.06
CA ASP B 105 -2.65 6.50 25.21
C ASP B 105 -2.38 7.13 23.85
N LEU B 106 -2.69 8.42 23.75
CA LEU B 106 -2.47 9.22 22.54
C LEU B 106 -1.60 10.41 22.89
N VAL B 107 -0.58 10.68 22.06
CA VAL B 107 0.26 11.87 22.19
C VAL B 107 0.18 12.66 20.88
N LEU B 108 -0.02 13.97 20.99
CA LEU B 108 0.04 14.87 19.84
C LEU B 108 1.23 15.82 20.01
N VAL B 109 1.97 16.06 18.92
CA VAL B 109 3.18 16.88 19.02
C VAL B 109 3.33 17.69 17.74
N THR B 110 3.84 18.90 17.88
CA THR B 110 4.30 19.70 16.75
C THR B 110 5.75 20.12 17.01
N GLU B 111 6.52 20.25 15.94
CA GLU B 111 7.93 20.60 16.06
C GLU B 111 8.29 21.62 15.00
N LYS B 112 9.35 22.37 15.30
CA LYS B 112 10.03 23.17 14.31
C LYS B 112 11.32 22.45 13.91
N ILE B 113 11.69 22.60 12.64
CA ILE B 113 12.78 21.82 12.05
C ILE B 113 13.81 22.77 11.49
N TYR B 114 15.09 22.51 11.83
CA TYR B 114 16.22 23.34 11.42
C TYR B 114 17.30 22.47 10.82
N ASN B 115 18.04 23.02 9.85
CA ASN B 115 19.18 22.27 9.35
C ASN B 115 20.37 22.41 10.32
N SER B 116 21.49 21.79 9.95
CA SER B 116 22.64 21.78 10.84
C SER B 116 23.30 23.14 10.98
N ASP B 117 22.98 24.08 10.09
CA ASP B 117 23.40 25.48 10.22
C ASP B 117 22.42 26.31 11.03
N ARG B 118 21.42 25.66 11.65
CA ARG B 118 20.42 26.30 12.50
C ARG B 118 19.44 27.18 11.72
N GLU B 119 19.34 27.00 10.40
CA GLU B 119 18.34 27.69 9.60
C GLU B 119 17.03 26.93 9.68
N GLU B 120 15.93 27.66 9.85
CA GLU B 120 14.61 27.03 9.94
C GLU B 120 14.18 26.53 8.57
N ILE B 121 13.88 25.24 8.46
CA ILE B 121 13.55 24.63 7.17
C ILE B 121 12.17 24.00 7.12
N GLY B 122 11.44 23.96 8.23
CA GLY B 122 10.09 23.39 8.16
C GLY B 122 9.50 23.10 9.54
N ALA B 123 8.56 22.15 9.55
CA ALA B 123 7.72 21.89 10.72
C ALA B 123 7.08 20.53 10.54
N ASP B 124 6.72 19.89 11.66
CA ASP B 124 5.92 18.66 11.51
C ASP B 124 4.89 18.57 12.63
N THR B 125 3.95 17.64 12.43
CA THR B 125 2.92 17.32 13.41
C THR B 125 2.85 15.82 13.50
N GLY B 126 2.82 15.29 14.73
CA GLY B 126 2.82 13.86 14.95
C GLY B 126 1.63 13.44 15.78
N ARG B 127 1.12 12.25 15.50
CA ARG B 127 0.08 11.59 16.28
C ARG B 127 0.60 10.20 16.63
N LEU B 128 0.71 9.91 17.92
CA LEU B 128 1.32 8.68 18.39
C LEU B 128 0.35 7.96 19.31
N ARG B 129 0.25 6.64 19.13
CA ARG B 129 -0.62 5.80 19.94
C ARG B 129 0.21 4.69 20.56
N ILE B 130 0.08 4.48 21.87
CA ILE B 130 0.67 3.30 22.49
C ILE B 130 -0.24 2.10 22.22
N ILE B 131 0.31 1.06 21.59
CA ILE B 131 -0.51 -0.08 21.16
C ILE B 131 -0.25 -1.34 21.95
N ARG B 132 0.92 -1.49 22.57
CA ARG B 132 1.12 -2.73 23.31
C ARG B 132 2.20 -2.53 24.34
N LYS B 133 2.06 -3.26 25.44
CA LYS B 133 3.07 -3.31 26.47
C LYS B 133 3.51 -4.76 26.56
N ASP B 134 4.73 -4.99 26.16
CA ASP B 134 5.30 -6.31 26.04
C ASP B 134 5.48 -6.94 27.42
N PRO B 135 4.86 -8.10 27.70
CA PRO B 135 4.83 -8.58 29.10
C PRO B 135 6.19 -9.00 29.64
N GLU B 136 7.10 -9.51 28.82
CA GLU B 136 8.40 -9.94 29.30
C GLU B 136 9.39 -8.79 29.53
N THR B 137 9.44 -7.79 28.65
CA THR B 137 10.36 -6.67 28.86
C THR B 137 9.70 -5.50 29.58
N GLY B 138 8.37 -5.42 29.57
CA GLY B 138 7.70 -4.22 29.99
C GLY B 138 7.82 -3.06 29.02
N HIS B 139 8.41 -3.27 27.85
CA HIS B 139 8.59 -2.17 26.91
C HIS B 139 7.29 -1.87 26.17
N HIS B 140 7.11 -0.60 25.84
CA HIS B 140 5.93 -0.12 25.13
C HIS B 140 6.25 0.10 23.67
N PHE B 141 5.30 -0.28 22.81
CA PHE B 141 5.42 -0.06 21.37
C PHE B 141 4.32 0.91 20.93
N THR B 142 4.66 1.71 19.94
CA THR B 142 3.78 2.78 19.49
C THR B 142 3.67 2.75 17.99
N VAL B 143 2.53 3.22 17.48
CA VAL B 143 2.42 3.56 16.08
C VAL B 143 2.26 5.07 15.94
N SER B 144 2.77 5.62 14.85
CA SER B 144 2.76 7.07 14.68
C SER B 144 2.46 7.44 13.24
N LEU B 145 1.87 8.60 13.10
CA LEU B 145 1.61 9.22 11.80
C LEU B 145 2.12 10.65 11.88
N VAL B 146 3.06 10.98 10.99
CA VAL B 146 3.68 12.30 11.00
C VAL B 146 3.40 12.96 9.65
N THR B 147 3.07 14.25 9.71
CA THR B 147 2.94 15.09 8.54
CA THR B 147 2.94 15.09 8.54
C THR B 147 3.95 16.23 8.67
N SER B 148 4.67 16.53 7.59
CA SER B 148 5.72 17.53 7.72
C SER B 148 6.00 18.22 6.41
N THR B 149 6.70 19.34 6.55
CA THR B 149 7.35 20.03 5.45
CA THR B 149 7.34 20.02 5.44
C THR B 149 8.80 20.24 5.82
N VAL B 150 9.70 19.82 4.95
CA VAL B 150 11.13 19.88 5.22
C VAL B 150 11.77 20.44 3.95
N GLN B 151 12.33 21.64 4.04
CA GLN B 151 13.00 22.28 2.91
C GLN B 151 12.10 22.28 1.68
N GLY B 152 10.81 22.55 1.90
CA GLY B 152 9.86 22.60 0.80
C GLY B 152 9.38 21.25 0.31
N ASN B 153 9.72 20.15 1.00
CA ASN B 153 9.25 18.83 0.65
C ASN B 153 8.12 18.43 1.60
N LYS B 154 6.98 18.05 1.04
CA LYS B 154 5.83 17.66 1.86
C LYS B 154 5.86 16.15 2.08
N LEU B 155 5.83 15.74 3.35
CA LEU B 155 6.07 14.34 3.72
C LEU B 155 4.94 13.76 4.57
N PHE B 156 4.77 12.45 4.44
CA PHE B 156 4.09 11.65 5.45
C PHE B 156 5.08 10.62 5.98
N ALA B 157 4.97 10.29 7.27
CA ALA B 157 5.80 9.22 7.80
C ALA B 157 4.95 8.31 8.67
N PHE B 158 5.28 7.02 8.61
CA PHE B 158 4.49 5.97 9.24
C PHE B 158 5.41 5.17 10.14
N GLY B 159 5.12 5.11 11.44
CA GLY B 159 6.03 4.51 12.39
C GLY B 159 5.43 3.41 13.22
N TYR B 160 6.25 2.40 13.49
CA TYR B 160 5.99 1.35 14.48
C TYR B 160 7.29 1.17 15.25
N THR B 161 7.34 1.61 16.50
CA THR B 161 8.63 1.76 17.16
C THR B 161 8.50 1.36 18.63
N GLU B 162 9.64 1.05 19.22
CA GLU B 162 9.71 0.75 20.64
C GLU B 162 10.07 2.02 21.40
N MET B 163 9.29 2.35 22.42
CA MET B 163 9.43 3.62 23.11
C MET B 163 10.73 3.65 23.92
N GLU B 164 11.00 2.59 24.69
CA GLU B 164 12.14 2.62 25.61
C GLU B 164 13.47 2.68 24.87
N ALA B 165 13.56 2.02 23.70
CA ALA B 165 14.79 2.09 22.92
C ALA B 165 15.10 3.52 22.51
N GLN B 166 14.07 4.35 22.33
CA GLN B 166 14.29 5.75 21.97
C GLN B 166 14.77 6.54 23.17
N LEU B 167 14.05 6.44 24.30
CA LEU B 167 14.43 7.15 25.52
C LEU B 167 15.83 6.82 25.98
N ALA B 168 16.40 5.69 25.56
CA ALA B 168 17.69 5.23 26.04
C ALA B 168 18.84 5.66 25.15
N GLY B 169 18.59 6.54 24.17
CA GLY B 169 19.64 6.99 23.27
C GLY B 169 19.77 6.20 21.99
N GLY B 170 18.95 5.18 21.79
CA GLY B 170 19.02 4.41 20.57
C GLY B 170 18.53 5.23 19.39
N ARG B 171 18.87 4.77 18.19
CA ARG B 171 18.32 5.37 16.99
C ARG B 171 16.98 4.72 16.70
N THR B 172 15.98 5.54 16.40
CA THR B 172 14.62 5.13 16.10
C THR B 172 14.35 5.48 14.64
N THR B 173 13.67 4.59 13.91
CA THR B 173 13.49 4.76 12.47
C THR B 173 12.02 4.60 12.12
N ILE B 174 11.48 5.51 11.30
CA ILE B 174 10.15 5.36 10.71
C ILE B 174 10.26 5.51 9.20
N GLN B 175 9.17 5.16 8.51
CA GLN B 175 9.11 5.13 7.05
C GLN B 175 8.49 6.40 6.51
N VAL B 176 9.18 7.08 5.58
CA VAL B 176 8.76 8.38 5.10
C VAL B 176 8.57 8.38 3.58
N ALA B 177 7.56 9.14 3.12
CA ALA B 177 7.31 9.33 1.69
C ALA B 177 7.08 10.80 1.43
N CYS B 178 7.57 11.28 0.29
CA CYS B 178 7.39 12.67 -0.12
C CYS B 178 6.41 12.73 -1.29
N TRP B 179 5.37 13.55 -1.15
CA TRP B 179 4.36 13.62 -2.21
C TRP B 179 4.36 14.94 -2.97
N ASP B 180 5.18 15.90 -2.57
CA ASP B 180 5.24 17.19 -3.25
C ASP B 180 6.56 17.88 -2.92
N GLY B 181 7.11 18.58 -3.91
CA GLY B 181 8.38 19.24 -3.71
C GLY B 181 9.50 18.56 -4.48
N PRO B 182 10.75 19.01 -4.26
CA PRO B 182 11.90 18.40 -4.94
C PRO B 182 12.01 16.89 -4.77
N TRP B 183 11.66 16.34 -3.61
CA TRP B 183 11.74 14.90 -3.38
C TRP B 183 10.48 14.15 -3.79
N ALA B 184 9.59 14.77 -4.53
CA ALA B 184 8.30 14.14 -4.81
C ALA B 184 8.46 12.77 -5.47
N GLY B 185 7.70 11.81 -4.97
CA GLY B 185 7.77 10.42 -5.40
C GLY B 185 8.93 9.62 -4.85
N MET B 186 9.64 10.12 -3.83
CA MET B 186 10.70 9.36 -3.19
C MET B 186 10.22 8.87 -1.83
N SER B 187 10.84 7.78 -1.37
CA SER B 187 10.49 7.22 -0.07
C SER B 187 11.73 6.64 0.57
N GLY B 188 11.69 6.50 1.88
CA GLY B 188 12.84 5.98 2.58
C GLY B 188 12.62 5.99 4.08
N THR B 189 13.66 6.37 4.83
CA THR B 189 13.56 6.36 6.27
C THR B 189 13.80 7.75 6.84
N LEU B 190 13.17 7.99 7.97
CA LEU B 190 13.43 9.14 8.82
C LEU B 190 13.82 8.57 10.18
N SER B 191 15.03 8.83 10.62
CA SER B 191 15.51 8.23 11.85
C SER B 191 16.07 9.32 12.75
N TRP B 192 16.13 9.05 14.05
CA TRP B 192 16.62 10.10 14.95
C TRP B 192 17.17 9.50 16.24
N VAL B 193 17.93 10.32 16.94
CA VAL B 193 18.37 10.06 18.30
C VAL B 193 17.97 11.29 19.11
N ILE B 194 17.55 11.09 20.36
CA ILE B 194 17.05 12.22 21.12
C ILE B 194 18.21 12.88 21.87
N ASN B 195 18.09 14.18 22.06
CA ASN B 195 19.03 14.94 22.89
C ASN B 195 18.42 15.34 24.22
N SER B 196 17.10 15.38 24.30
CA SER B 196 16.38 15.76 25.50
C SER B 196 14.95 15.28 25.31
N MET B 197 14.07 15.64 26.23
CA MET B 197 12.66 15.34 26.03
C MET B 197 12.01 16.27 25.02
N THR B 198 12.71 17.31 24.56
CA THR B 198 12.13 18.31 23.66
C THR B 198 12.97 18.56 22.41
N ALA B 199 14.04 17.79 22.19
CA ALA B 199 14.89 18.03 21.03
C ALA B 199 15.48 16.72 20.53
N ALA B 200 15.63 16.60 19.21
CA ALA B 200 16.18 15.40 18.62
C ALA B 200 17.02 15.78 17.41
N GLU B 201 17.91 14.88 17.03
CA GLU B 201 18.72 15.02 15.82
C GLU B 201 18.29 13.94 14.83
N SER B 202 17.87 14.34 13.65
CA SER B 202 17.22 13.42 12.72
C SER B 202 17.99 13.34 11.40
N ARG B 203 17.69 12.29 10.64
CA ARG B 203 18.32 12.02 9.36
C ARG B 203 17.28 11.51 8.37
N TYR B 204 17.21 12.13 7.20
CA TYR B 204 16.28 11.74 6.14
C TYR B 204 17.06 11.05 5.02
N GLU B 205 16.64 9.85 4.64
CA GLU B 205 17.25 9.13 3.52
C GLU B 205 16.15 8.65 2.59
N LEU B 206 16.10 9.21 1.38
CA LEU B 206 15.04 8.86 0.44
C LEU B 206 15.62 8.51 -0.92
N ARG B 207 14.88 7.68 -1.65
CA ARG B 207 15.20 7.29 -3.03
C ARG B 207 13.92 7.20 -3.84
N ARG B 208 14.01 7.56 -5.12
CA ARG B 208 12.91 7.26 -6.05
C ARG B 208 12.60 5.76 -6.01
C01 KUJ C . -10.25 -12.60 -18.66
C02 KUJ C . -8.74 -12.67 -18.92
C03 KUJ C . -8.21 -13.14 -20.10
C04 KUJ C . -9.09 -13.69 -21.25
C05 KUJ C . -8.83 -15.16 -21.33
C06 KUJ C . -8.57 -12.95 -22.49
C07 KUJ C . -8.94 -11.41 -22.38
C08 KUJ C . -8.70 -10.83 -23.79
C09 KUJ C . -9.44 -9.50 -24.05
C10 KUJ C . -8.81 -8.50 -24.78
C11 KUJ C . -9.51 -7.17 -25.07
C12 KUJ C . -8.97 -6.75 -26.43
C13 KUJ C . -9.15 -6.08 -24.04
C14 KUJ C . -9.77 -5.02 -22.14
C15 KUJ C . -8.86 -4.81 -21.02
C16 KUJ C . -6.83 -6.12 -21.22
C17 KUJ C . -9.13 -3.43 -20.36
C18 KUJ C . -9.69 -3.97 -23.25
C19 KUJ C . -9.85 -4.65 -24.36
C20 KUJ C . -11.40 -4.87 -24.69
C21 KUJ C . -7.84 -12.15 -17.76
C22 KUJ C . -8.03 -13.16 -16.62
C23 KUJ C . -7.31 -14.51 -16.91
C24 KUJ C . -7.35 -15.48 -15.73
C25 KUJ C . -6.72 -14.79 -14.52
C26 KUJ C . -7.50 -13.52 -14.15
C27 KUJ C . -6.88 -12.90 -12.88
C28 KUJ C . -7.42 -12.54 -15.34
C29 KUJ C . -8.01 -11.13 -15.11
C30 KUJ C . -9.49 -11.14 -14.70
C31 KUJ C . -7.90 -10.24 -16.35
C32 KUJ C . -7.07 -9.20 -16.60
C33 KUJ C . -6.84 -8.73 -17.89
C34 KUJ C . -5.86 -7.57 -17.74
C35 KUJ C . -6.33 -8.44 -15.75
O01 KUJ C . -10.73 -11.34 -19.07
O02 KUJ C . -9.51 -6.35 -22.84
O03 KUJ C . -7.48 -4.90 -21.42
O04 KUJ C . -7.34 -10.69 -23.96
O05 KUJ C . -8.35 -10.89 -17.45
O06 KUJ C . -7.25 -9.04 -18.99
O07 KUJ C . -5.60 -7.46 -16.36
O08 KUJ C . -6.28 -8.56 -14.53
C01 KUJ D . 9.14 14.48 19.67
C02 KUJ D . 10.03 13.25 19.50
C03 KUJ D . 11.01 12.92 20.41
C04 KUJ D . 11.30 13.79 21.65
C05 KUJ D . 12.61 14.48 21.48
C06 KUJ D . 11.35 12.82 22.84
C07 KUJ D . 9.89 12.42 23.34
C08 KUJ D . 10.05 11.35 24.44
C21 KUJ D . 9.70 12.39 18.23
C22 KUJ D . 10.17 13.21 17.03
C23 KUJ D . 11.70 13.38 16.98
C24 KUJ D . 12.16 14.06 15.68
C25 KUJ D . 11.74 13.21 14.46
C26 KUJ D . 10.20 13.08 14.43
C27 KUJ D . 9.75 12.30 13.16
C28 KUJ D . 9.69 12.47 15.74
C29 KUJ D . 8.17 12.23 15.79
C30 KUJ D . 7.32 13.51 15.63
C31 KUJ D . 7.79 11.52 17.08
C32 KUJ D . 7.67 10.16 17.14
C33 KUJ D . 8.05 9.39 18.20
C34 KUJ D . 7.74 7.95 17.81
C35 KUJ D . 7.18 9.33 16.17
O01 KUJ D . 8.14 14.19 20.62
O04 KUJ D . 10.05 10.10 23.84
O05 KUJ D . 8.31 12.17 18.18
O06 KUJ D . 8.54 9.63 19.29
O07 KUJ D . 7.19 8.00 16.51
O08 KUJ D . 6.74 9.63 15.08
P PO4 E . -1.52 14.25 11.91
O1 PO4 E . -1.62 15.68 11.46
O2 PO4 E . -2.04 14.13 13.34
O3 PO4 E . -0.08 13.80 11.86
O4 PO4 E . -2.36 13.37 11.01
C1 PPI F . 9.01 0.22 10.90
C2 PPI F . 9.01 1.75 10.75
C3 PPI F . 8.81 2.44 12.08
O1 PPI F . 8.71 -0.33 12.02
O2 PPI F . 9.31 -0.45 9.87
#